data_3KP2
#
_entry.id   3KP2
#
_cell.length_a   106.824
_cell.length_b   106.824
_cell.length_c   46.353
_cell.angle_alpha   90.00
_cell.angle_beta   90.00
_cell.angle_gamma   120.00
#
_symmetry.space_group_name_H-M   'P 61'
#
loop_
_entity.id
_entity.type
_entity.pdbx_description
1 polymer 'Transcriptional regulator TcaR'
2 non-polymer 'PENICILLIN G'
3 non-polymer 'CACODYLATE ION'
4 water water
#
_entity_poly.entity_id   1
_entity_poly.type   'polypeptide(L)'
_entity_poly.pdbx_seq_one_letter_code
;MVRRIEDHISFLEKFINDVNTLTAKLLKDLQTEYGISAEQSHVLNMLSIEALTVGQITEKQGVNKAAVSRRVKKLLNAEL
VKLEKPDSNTDQRLKIIKLSNKGKKYIKERKAIMSHIASDMTSDFDSKEIEKVRQVLEIIDYRIQSYTSKL
;
_entity_poly.pdbx_strand_id   A,B
#
# COMPACT_ATOMS: atom_id res chain seq x y z
N ARG A 3 1.63 -9.94 19.93
CA ARG A 3 0.24 -10.16 19.45
C ARG A 3 -0.62 -8.91 19.68
N ARG A 4 -0.21 -8.09 20.66
CA ARG A 4 -0.91 -6.82 20.94
C ARG A 4 -0.50 -5.97 19.75
N ILE A 5 0.82 -5.93 19.53
CA ILE A 5 1.39 -5.18 18.42
C ILE A 5 1.00 -5.88 17.13
N GLU A 6 1.10 -7.20 17.14
CA GLU A 6 0.78 -8.01 15.96
C GLU A 6 -0.62 -7.72 15.43
N ASP A 7 -1.47 -7.26 16.33
CA ASP A 7 -2.84 -6.91 16.00
C ASP A 7 -2.81 -5.54 15.33
N HIS A 8 -1.87 -4.72 15.75
CA HIS A 8 -1.71 -3.38 15.20
C HIS A 8 -1.09 -3.38 13.80
N ILE A 9 -0.29 -4.41 13.49
CA ILE A 9 0.30 -4.51 12.16
C ILE A 9 -0.77 -5.01 11.19
N SER A 10 -1.54 -6.00 11.63
CA SER A 10 -2.64 -6.51 10.79
C SER A 10 -3.55 -5.37 10.44
N PHE A 11 -3.97 -4.62 11.45
CA PHE A 11 -4.84 -3.49 11.17
C PHE A 11 -4.14 -2.48 10.25
N LEU A 12 -2.86 -2.27 10.48
CA LEU A 12 -2.13 -1.33 9.64
C LEU A 12 -2.06 -1.86 8.20
N GLU A 13 -1.86 -3.18 8.07
CA GLU A 13 -1.76 -3.82 6.77
C GLU A 13 -3.10 -3.71 6.02
N LYS A 14 -4.19 -3.91 6.75
CA LYS A 14 -5.53 -3.81 6.20
C LYS A 14 -5.84 -2.39 5.80
N PHE A 15 -5.47 -1.46 6.67
CA PHE A 15 -5.70 -0.03 6.40
C PHE A 15 -4.99 0.40 5.10
N ILE A 16 -3.72 0.06 4.94
CA ILE A 16 -2.94 0.41 3.75
C ILE A 16 -3.54 -0.21 2.49
N ASN A 17 -3.95 -1.48 2.58
CA ASN A 17 -4.60 -2.14 1.44
C ASN A 17 -5.92 -1.41 1.10
N ASP A 18 -6.68 -1.01 2.10
CA ASP A 18 -7.92 -0.32 1.80
C ASP A 18 -7.67 1.02 1.10
N VAL A 19 -6.67 1.76 1.56
CA VAL A 19 -6.32 3.06 0.97
C VAL A 19 -5.93 2.86 -0.49
N ASN A 20 -5.10 1.85 -0.75
CA ASN A 20 -4.68 1.58 -2.12
C ASN A 20 -5.86 1.15 -3.00
N THR A 21 -6.75 0.34 -2.47
CA THR A 21 -7.93 -0.11 -3.20
C THR A 21 -8.85 1.08 -3.55
N LEU A 22 -9.04 1.99 -2.61
CA LEU A 22 -9.89 3.16 -2.85
C LEU A 22 -9.31 4.01 -3.97
N THR A 23 -8.04 4.37 -3.80
CA THR A 23 -7.29 5.18 -4.74
C THR A 23 -7.42 4.65 -6.15
N ALA A 24 -7.17 3.35 -6.33
CA ALA A 24 -7.25 2.69 -7.62
C ALA A 24 -8.61 2.86 -8.28
N LYS A 25 -9.67 2.69 -7.50
CA LYS A 25 -11.04 2.85 -7.95
C LYS A 25 -11.30 4.30 -8.27
N LEU A 26 -10.82 5.18 -7.40
CA LEU A 26 -11.01 6.61 -7.61
C LEU A 26 -10.29 7.18 -8.81
N LEU A 27 -9.11 6.64 -9.12
CA LEU A 27 -8.32 7.13 -10.22
C LEU A 27 -8.31 6.32 -11.53
N LYS A 28 -9.08 5.24 -11.60
CA LYS A 28 -9.10 4.39 -12.78
C LYS A 28 -9.37 5.17 -14.09
N ASP A 29 -10.38 6.02 -14.11
CA ASP A 29 -10.68 6.80 -15.33
C ASP A 29 -9.61 7.83 -15.73
N LEU A 30 -9.04 8.52 -14.76
CA LEU A 30 -8.02 9.52 -15.02
C LEU A 30 -6.84 8.81 -15.63
N GLN A 31 -6.46 7.66 -15.06
CA GLN A 31 -5.36 6.86 -15.59
C GLN A 31 -5.60 6.43 -17.05
N THR A 32 -6.83 5.99 -17.31
CA THR A 32 -7.28 5.55 -18.62
C THR A 32 -7.29 6.71 -19.63
N GLU A 33 -7.64 7.89 -19.14
CA GLU A 33 -7.72 9.09 -19.96
C GLU A 33 -6.33 9.49 -20.39
N TYR A 34 -5.34 9.25 -19.54
CA TYR A 34 -3.96 9.59 -19.84
C TYR A 34 -3.23 8.40 -20.42
N GLY A 35 -3.95 7.30 -20.61
CA GLY A 35 -3.36 6.11 -21.18
C GLY A 35 -2.33 5.37 -20.36
N ILE A 36 -2.50 5.36 -19.04
CA ILE A 36 -1.55 4.66 -18.16
C ILE A 36 -2.21 3.67 -17.22
N SER A 37 -1.38 2.83 -16.65
CA SER A 37 -1.79 1.81 -15.70
C SER A 37 -1.57 2.35 -14.27
N ALA A 38 -2.09 1.63 -13.29
CA ALA A 38 -1.97 2.00 -11.88
C ALA A 38 -0.50 2.11 -11.50
N GLU A 39 0.28 1.07 -11.77
CA GLU A 39 1.71 1.08 -11.43
C GLU A 39 2.47 2.21 -12.09
N GLN A 40 2.10 2.57 -13.31
CA GLN A 40 2.77 3.69 -13.97
C GLN A 40 2.44 4.95 -13.19
N SER A 41 1.17 5.08 -12.81
CA SER A 41 0.69 6.23 -12.07
C SER A 41 1.42 6.29 -10.73
N HIS A 42 1.83 5.13 -10.24
CA HIS A 42 2.54 5.12 -8.97
C HIS A 42 3.91 5.75 -9.11
N VAL A 43 4.65 5.32 -10.13
CA VAL A 43 5.97 5.84 -10.40
C VAL A 43 5.80 7.34 -10.54
N LEU A 44 4.70 7.76 -11.14
CA LEU A 44 4.42 9.19 -11.34
C LEU A 44 4.24 9.99 -10.03
N ASN A 45 3.53 9.41 -9.07
CA ASN A 45 3.32 10.10 -7.80
C ASN A 45 4.66 10.21 -7.07
N MET A 46 5.45 9.15 -7.08
CA MET A 46 6.77 9.18 -6.46
C MET A 46 7.56 10.33 -7.07
N LEU A 47 7.62 10.37 -8.39
CA LEU A 47 8.34 11.42 -9.09
C LEU A 47 7.82 12.81 -8.73
N SER A 48 6.62 12.88 -8.16
CA SER A 48 6.06 14.18 -7.78
C SER A 48 6.75 14.55 -6.48
N ILE A 49 7.16 13.52 -5.74
CA ILE A 49 7.86 13.71 -4.47
C ILE A 49 9.22 14.33 -4.84
N GLU A 50 9.82 13.78 -5.89
CA GLU A 50 11.12 14.26 -6.38
C GLU A 50 11.56 13.52 -7.65
N ALA A 51 12.48 14.13 -8.39
CA ALA A 51 12.99 13.52 -9.61
C ALA A 51 14.00 12.48 -9.18
N LEU A 52 13.64 11.21 -9.31
CA LEU A 52 14.52 10.09 -8.94
C LEU A 52 15.04 9.40 -10.19
N THR A 53 16.11 8.62 -10.04
CA THR A 53 16.67 7.90 -11.17
C THR A 53 16.12 6.49 -11.13
N VAL A 54 16.40 5.70 -12.16
CA VAL A 54 15.89 4.33 -12.24
C VAL A 54 16.20 3.44 -11.04
N GLY A 55 17.47 3.37 -10.66
CA GLY A 55 17.84 2.54 -9.53
C GLY A 55 17.03 2.89 -8.30
N GLN A 56 16.85 4.18 -8.07
CA GLN A 56 16.11 4.67 -6.93
C GLN A 56 14.68 4.12 -6.88
N ILE A 57 13.96 4.20 -7.99
CA ILE A 57 12.59 3.69 -8.06
C ILE A 57 12.51 2.15 -8.02
N THR A 58 13.61 1.47 -8.32
CA THR A 58 13.60 0.01 -8.29
C THR A 58 13.70 -0.54 -6.87
N GLU A 59 14.71 -0.10 -6.15
CA GLU A 59 14.91 -0.56 -4.78
C GLU A 59 13.88 0.01 -3.83
N LYS A 60 13.35 1.20 -4.13
CA LYS A 60 12.34 1.81 -3.28
C LYS A 60 11.15 0.86 -3.25
N GLN A 61 10.50 0.71 -4.40
CA GLN A 61 9.35 -0.18 -4.52
C GLN A 61 9.75 -1.62 -4.23
N GLY A 62 11.05 -1.89 -4.32
CA GLY A 62 11.53 -3.23 -4.07
C GLY A 62 10.91 -4.22 -5.04
N VAL A 63 11.44 -4.22 -6.26
CA VAL A 63 10.94 -5.10 -7.31
C VAL A 63 12.09 -5.53 -8.24
N ASN A 64 11.81 -6.51 -9.11
CA ASN A 64 12.80 -7.03 -10.04
C ASN A 64 13.33 -6.08 -11.12
N LYS A 65 14.28 -6.60 -11.89
CA LYS A 65 14.94 -5.86 -12.96
C LYS A 65 14.03 -5.16 -13.99
N ALA A 66 13.83 -5.82 -15.13
CA ALA A 66 13.03 -5.30 -16.23
C ALA A 66 11.84 -4.42 -15.87
N ALA A 67 11.10 -4.82 -14.84
CA ALA A 67 9.92 -4.10 -14.36
C ALA A 67 9.95 -2.57 -14.37
N VAL A 68 10.56 -1.97 -13.36
CA VAL A 68 10.60 -0.51 -13.30
C VAL A 68 11.01 0.10 -14.63
N SER A 69 12.19 -0.25 -15.12
CA SER A 69 12.63 0.27 -16.41
C SER A 69 11.51 0.24 -17.44
N ARG A 70 10.82 -0.89 -17.57
CA ARG A 70 9.74 -1.02 -18.52
C ARG A 70 8.65 0.04 -18.31
N ARG A 71 8.19 0.19 -17.07
CA ARG A 71 7.18 1.19 -16.79
C ARG A 71 7.70 2.59 -17.14
N VAL A 72 8.98 2.85 -16.90
CA VAL A 72 9.56 4.16 -17.17
C VAL A 72 9.69 4.45 -18.66
N LYS A 73 9.90 3.40 -19.45
CA LYS A 73 10.03 3.54 -20.90
C LYS A 73 8.67 3.92 -21.43
N LYS A 74 7.62 3.31 -20.89
CA LYS A 74 6.27 3.61 -21.33
C LYS A 74 5.87 5.05 -20.97
N LEU A 75 6.24 5.51 -19.78
CA LEU A 75 5.92 6.86 -19.35
C LEU A 75 6.61 7.91 -20.21
N LEU A 76 7.87 7.66 -20.55
CA LEU A 76 8.63 8.57 -21.39
C LEU A 76 8.10 8.59 -22.83
N ASN A 77 7.41 7.53 -23.24
CA ASN A 77 6.84 7.46 -24.57
C ASN A 77 5.46 8.11 -24.58
N ALA A 78 4.90 8.29 -23.39
CA ALA A 78 3.59 8.91 -23.24
C ALA A 78 3.76 10.40 -22.93
N GLU A 79 5.02 10.81 -22.71
CA GLU A 79 5.36 12.20 -22.41
C GLU A 79 4.73 12.70 -21.12
N LEU A 80 5.10 12.07 -20.02
CA LEU A 80 4.58 12.42 -18.70
C LEU A 80 5.83 12.61 -17.86
N VAL A 81 6.95 12.14 -18.41
CA VAL A 81 8.25 12.21 -17.79
C VAL A 81 9.17 12.91 -18.77
N LYS A 82 10.36 13.28 -18.30
CA LYS A 82 11.39 13.94 -19.09
C LYS A 82 12.69 13.37 -18.51
N LEU A 83 13.42 12.63 -19.33
CA LEU A 83 14.66 12.00 -18.91
C LEU A 83 15.70 13.01 -18.47
N ILE A 96 18.27 10.07 -14.62
CA ILE A 96 17.63 11.22 -13.93
C ILE A 96 16.11 11.00 -13.79
N ILE A 97 15.36 11.31 -14.85
CA ILE A 97 13.88 11.15 -14.87
C ILE A 97 13.08 12.20 -14.06
N LYS A 98 12.35 13.05 -14.77
CA LYS A 98 11.55 14.14 -14.20
C LYS A 98 10.16 14.20 -14.85
N LEU A 99 9.23 14.93 -14.24
CA LEU A 99 7.87 15.04 -14.79
C LEU A 99 7.82 16.12 -15.87
N SER A 100 6.77 16.12 -16.67
CA SER A 100 6.60 17.10 -17.75
C SER A 100 5.33 17.90 -17.48
N ASN A 101 5.04 18.93 -18.28
CA ASN A 101 3.84 19.71 -18.05
C ASN A 101 2.63 18.77 -18.01
N LYS A 102 2.62 17.77 -18.90
CA LYS A 102 1.50 16.83 -18.95
C LYS A 102 1.49 15.87 -17.75
N GLY A 103 2.66 15.47 -17.28
CA GLY A 103 2.74 14.58 -16.14
C GLY A 103 2.35 15.36 -14.89
N LYS A 104 2.82 16.61 -14.85
CA LYS A 104 2.55 17.53 -13.75
C LYS A 104 1.04 17.78 -13.72
N LYS A 105 0.43 17.86 -14.90
CA LYS A 105 -1.01 18.10 -15.00
C LYS A 105 -1.77 16.91 -14.41
N TYR A 106 -1.30 15.70 -14.74
CA TYR A 106 -1.92 14.48 -14.23
C TYR A 106 -1.86 14.46 -12.70
N ILE A 107 -0.65 14.65 -12.15
CA ILE A 107 -0.50 14.66 -10.70
C ILE A 107 -1.43 15.68 -10.05
N LYS A 108 -1.60 16.83 -10.69
CA LYS A 108 -2.50 17.84 -10.15
C LYS A 108 -3.95 17.35 -10.10
N GLU A 109 -4.38 16.71 -11.17
CA GLU A 109 -5.74 16.20 -11.30
C GLU A 109 -6.01 15.11 -10.28
N ARG A 110 -4.95 14.39 -9.94
CA ARG A 110 -5.02 13.32 -8.97
C ARG A 110 -5.14 13.88 -7.54
N LYS A 111 -4.43 14.98 -7.23
CA LYS A 111 -4.46 15.62 -5.91
C LYS A 111 -5.88 16.11 -5.65
N ALA A 112 -6.42 16.78 -6.65
CA ALA A 112 -7.77 17.31 -6.58
C ALA A 112 -8.78 16.21 -6.23
N ILE A 113 -8.72 15.08 -6.93
CA ILE A 113 -9.65 14.00 -6.66
C ILE A 113 -9.42 13.48 -5.23
N MET A 114 -8.18 13.12 -4.92
CA MET A 114 -7.87 12.63 -3.59
C MET A 114 -8.20 13.63 -2.46
N SER A 115 -8.11 14.92 -2.77
CA SER A 115 -8.39 15.96 -1.79
C SER A 115 -9.85 16.14 -1.41
N HIS A 116 -10.72 16.16 -2.41
CA HIS A 116 -12.13 16.32 -2.16
C HIS A 116 -12.54 15.13 -1.30
N ILE A 117 -12.16 13.95 -1.74
CA ILE A 117 -12.48 12.70 -1.04
C ILE A 117 -11.96 12.61 0.40
N ALA A 118 -10.69 12.96 0.61
CA ALA A 118 -10.10 12.92 1.94
C ALA A 118 -10.77 13.96 2.81
N SER A 119 -11.03 15.10 2.20
CA SER A 119 -11.65 16.20 2.89
C SER A 119 -13.07 15.88 3.39
N ASP A 120 -13.92 15.36 2.51
CA ASP A 120 -15.29 15.01 2.88
C ASP A 120 -15.40 13.78 3.77
N MET A 121 -14.26 13.18 4.09
CA MET A 121 -14.21 11.99 4.91
C MET A 121 -13.53 12.31 6.22
N THR A 122 -13.32 13.59 6.48
CA THR A 122 -12.61 13.95 7.67
C THR A 122 -13.01 15.34 8.16
N SER A 123 -14.04 15.90 7.54
CA SER A 123 -14.52 17.24 7.88
C SER A 123 -15.27 17.36 9.20
N ASP A 124 -15.40 16.25 9.92
CA ASP A 124 -16.11 16.25 11.20
C ASP A 124 -15.12 16.01 12.31
N PHE A 125 -13.85 15.87 11.97
CA PHE A 125 -12.83 15.63 12.96
C PHE A 125 -12.29 16.91 13.54
N ASP A 126 -11.59 16.75 14.65
CA ASP A 126 -10.97 17.86 15.36
C ASP A 126 -9.62 17.98 14.69
N SER A 127 -9.23 19.18 14.26
CA SER A 127 -7.94 19.33 13.63
C SER A 127 -6.86 19.00 14.67
N LYS A 128 -7.19 19.10 15.96
CA LYS A 128 -6.26 18.78 17.04
C LYS A 128 -6.15 17.28 17.13
N GLU A 129 -7.23 16.59 16.74
CA GLU A 129 -7.27 15.14 16.74
C GLU A 129 -6.44 14.63 15.55
N ILE A 130 -6.68 15.20 14.38
CA ILE A 130 -5.95 14.80 13.17
C ILE A 130 -4.47 15.03 13.37
N GLU A 131 -4.13 16.13 14.04
CA GLU A 131 -2.74 16.47 14.21
C GLU A 131 -1.90 15.68 15.23
N LYS A 132 -2.53 15.14 16.27
CA LYS A 132 -1.77 14.35 17.22
C LYS A 132 -1.51 13.02 16.52
N VAL A 133 -2.43 12.64 15.63
CA VAL A 133 -2.33 11.40 14.83
C VAL A 133 -1.20 11.53 13.84
N ARG A 134 -1.19 12.64 13.11
CA ARG A 134 -0.13 12.92 12.16
C ARG A 134 1.24 12.92 12.92
N GLN A 135 1.27 13.50 14.11
CA GLN A 135 2.49 13.57 14.91
C GLN A 135 3.04 12.19 15.24
N VAL A 136 2.18 11.31 15.72
CA VAL A 136 2.60 9.95 16.05
C VAL A 136 3.10 9.20 14.80
N LEU A 137 2.41 9.38 13.67
CA LEU A 137 2.80 8.70 12.44
C LEU A 137 4.09 9.25 11.83
N GLU A 138 4.36 10.54 12.06
CA GLU A 138 5.58 11.14 11.54
C GLU A 138 6.79 10.54 12.24
N ILE A 139 6.67 10.22 13.51
CA ILE A 139 7.83 9.65 14.15
C ILE A 139 8.03 8.22 13.65
N ILE A 140 6.93 7.52 13.42
CA ILE A 140 7.01 6.16 12.93
C ILE A 140 7.55 6.22 11.50
N ASP A 141 7.17 7.23 10.72
CA ASP A 141 7.70 7.31 9.37
C ASP A 141 9.20 7.57 9.45
N TYR A 142 9.59 8.47 10.35
CA TYR A 142 10.99 8.86 10.59
C TYR A 142 11.82 7.65 11.04
N ARG A 143 11.28 6.82 11.92
CA ARG A 143 11.98 5.62 12.39
C ARG A 143 12.00 4.55 11.30
N ILE A 144 10.93 4.49 10.50
CA ILE A 144 10.90 3.50 9.43
C ILE A 144 12.03 3.90 8.50
N GLN A 145 12.06 5.16 8.12
CA GLN A 145 13.07 5.72 7.25
C GLN A 145 14.52 5.55 7.69
N SER A 146 14.75 5.68 8.99
CA SER A 146 16.11 5.55 9.51
C SER A 146 16.48 4.09 9.62
N TYR A 147 15.47 3.23 9.69
CA TYR A 147 15.71 1.80 9.80
C TYR A 147 16.05 1.25 8.42
N THR A 148 15.35 1.73 7.41
CA THR A 148 15.56 1.30 6.04
C THR A 148 16.95 1.62 5.54
N SER A 149 17.60 2.60 6.16
CA SER A 149 18.96 2.99 5.78
C SER A 149 19.92 1.85 6.16
N LYS A 150 19.69 1.24 7.33
CA LYS A 150 20.52 0.12 7.78
C LYS A 150 20.24 -1.13 6.93
N LEU A 151 19.10 -1.12 6.24
CA LEU A 151 18.63 -2.21 5.38
C LEU A 151 17.56 -3.01 6.14
N ILE B 5 -3.38 19.56 5.20
CA ILE B 5 -4.83 19.59 4.89
C ILE B 5 -5.02 18.84 3.57
N GLU B 6 -3.93 18.79 2.80
CA GLU B 6 -3.82 18.12 1.53
C GLU B 6 -2.40 17.63 1.65
N ASP B 7 -1.67 18.27 2.55
CA ASP B 7 -0.30 17.90 2.78
C ASP B 7 -0.36 16.70 3.70
N HIS B 8 -1.57 16.44 4.22
CA HIS B 8 -1.84 15.31 5.10
C HIS B 8 -1.97 14.14 4.14
N ILE B 9 -2.54 14.41 2.98
CA ILE B 9 -2.73 13.41 1.95
C ILE B 9 -1.35 13.03 1.43
N SER B 10 -0.52 14.02 1.17
CA SER B 10 0.83 13.76 0.68
C SER B 10 1.66 12.96 1.68
N PHE B 11 1.54 13.32 2.95
CA PHE B 11 2.26 12.64 4.01
C PHE B 11 1.85 11.17 4.10
N LEU B 12 0.56 10.90 4.00
CA LEU B 12 0.03 9.55 4.08
C LEU B 12 0.61 8.70 2.91
N GLU B 13 0.81 9.35 1.76
CA GLU B 13 1.36 8.66 0.64
C GLU B 13 2.82 8.36 0.84
N LYS B 14 3.52 9.28 1.50
CA LYS B 14 4.94 9.09 1.77
C LYS B 14 5.07 7.95 2.77
N PHE B 15 4.22 7.97 3.78
CA PHE B 15 4.20 6.99 4.85
C PHE B 15 3.95 5.57 4.33
N ILE B 16 2.97 5.47 3.42
CA ILE B 16 2.62 4.21 2.82
C ILE B 16 3.78 3.71 1.97
N ASN B 17 4.38 4.61 1.20
CA ASN B 17 5.53 4.25 0.37
C ASN B 17 6.66 3.67 1.21
N ASP B 18 6.94 4.33 2.32
CA ASP B 18 7.98 3.90 3.23
C ASP B 18 7.67 2.57 3.89
N VAL B 19 6.43 2.37 4.32
CA VAL B 19 6.04 1.11 4.93
C VAL B 19 6.32 0.00 3.90
N ASN B 20 5.84 0.23 2.69
CA ASN B 20 6.00 -0.73 1.60
C ASN B 20 7.48 -1.03 1.29
N THR B 21 8.32 -0.01 1.30
CA THR B 21 9.74 -0.20 1.06
C THR B 21 10.37 -1.05 2.16
N LEU B 22 10.04 -0.72 3.40
CA LEU B 22 10.54 -1.46 4.55
C LEU B 22 10.16 -2.95 4.45
N THR B 23 8.88 -3.18 4.18
CA THR B 23 8.34 -4.52 4.04
C THR B 23 9.06 -5.27 2.93
N ALA B 24 9.18 -4.62 1.78
CA ALA B 24 9.88 -5.21 0.64
C ALA B 24 11.30 -5.62 1.05
N LYS B 25 11.97 -4.77 1.84
CA LYS B 25 13.33 -5.05 2.32
C LYS B 25 13.38 -6.16 3.38
N LEU B 26 12.49 -6.08 4.35
CA LEU B 26 12.46 -7.07 5.40
C LEU B 26 11.99 -8.43 4.95
N LEU B 27 11.24 -8.48 3.87
CA LEU B 27 10.71 -9.73 3.38
C LEU B 27 11.38 -10.27 2.13
N LYS B 28 12.46 -9.64 1.70
CA LYS B 28 13.18 -10.06 0.50
C LYS B 28 13.48 -11.55 0.47
N ASP B 29 14.34 -12.02 1.37
CA ASP B 29 14.70 -13.44 1.40
C ASP B 29 13.50 -14.40 1.42
N LEU B 30 12.59 -14.19 2.36
CA LEU B 30 11.41 -15.03 2.52
C LEU B 30 10.59 -15.22 1.25
N GLN B 31 10.36 -14.12 0.54
CA GLN B 31 9.56 -14.17 -0.68
C GLN B 31 10.27 -14.88 -1.84
N THR B 32 11.59 -14.98 -1.74
CA THR B 32 12.38 -15.66 -2.76
C THR B 32 12.31 -17.15 -2.44
N GLU B 33 12.49 -17.47 -1.16
CA GLU B 33 12.41 -18.85 -0.70
C GLU B 33 11.12 -19.47 -1.26
N TYR B 34 10.00 -18.76 -1.07
CA TYR B 34 8.70 -19.20 -1.55
C TYR B 34 8.44 -18.87 -3.03
N GLY B 35 9.29 -18.02 -3.62
CA GLY B 35 9.13 -17.65 -5.03
C GLY B 35 7.81 -16.97 -5.32
N ILE B 36 7.46 -16.02 -4.44
CA ILE B 36 6.22 -15.27 -4.50
C ILE B 36 6.40 -13.75 -4.59
N SER B 37 5.67 -13.11 -5.49
CA SER B 37 5.74 -11.66 -5.66
C SER B 37 5.10 -11.00 -4.43
N ALA B 38 5.34 -9.70 -4.24
CA ALA B 38 4.76 -8.96 -3.12
C ALA B 38 3.28 -8.86 -3.45
N GLU B 39 2.99 -8.97 -4.76
CA GLU B 39 1.63 -8.92 -5.27
C GLU B 39 0.93 -10.15 -4.68
N GLN B 40 1.46 -11.33 -4.98
CA GLN B 40 0.90 -12.57 -4.47
C GLN B 40 0.92 -12.62 -2.94
N SER B 41 2.06 -12.27 -2.37
CA SER B 41 2.25 -12.26 -0.91
C SER B 41 1.20 -11.41 -0.19
N HIS B 42 0.81 -10.31 -0.82
CA HIS B 42 -0.19 -9.40 -0.26
C HIS B 42 -1.57 -10.05 -0.05
N VAL B 43 -2.01 -10.83 -1.04
CA VAL B 43 -3.31 -11.50 -0.99
C VAL B 43 -3.38 -12.51 0.15
N LEU B 44 -2.26 -13.19 0.40
CA LEU B 44 -2.18 -14.18 1.47
C LEU B 44 -2.34 -13.50 2.81
N ASN B 45 -1.62 -12.39 2.96
CA ASN B 45 -1.66 -11.58 4.16
C ASN B 45 -3.12 -11.14 4.30
N MET B 46 -3.69 -10.79 3.16
CA MET B 46 -5.07 -10.35 3.10
C MET B 46 -6.00 -11.44 3.62
N LEU B 47 -5.83 -12.65 3.12
CA LEU B 47 -6.65 -13.78 3.54
C LEU B 47 -6.30 -14.25 4.93
N SER B 48 -5.15 -13.81 5.43
CA SER B 48 -4.69 -14.18 6.76
C SER B 48 -5.61 -13.54 7.80
N ILE B 49 -6.20 -12.42 7.42
CA ILE B 49 -7.09 -11.67 8.29
C ILE B 49 -8.47 -12.33 8.46
N GLU B 50 -8.95 -13.01 7.42
CA GLU B 50 -10.23 -13.71 7.43
C GLU B 50 -10.49 -14.41 6.11
N ALA B 51 -11.38 -15.41 6.12
CA ALA B 51 -11.72 -16.17 4.93
C ALA B 51 -12.33 -15.18 3.93
N LEU B 52 -12.70 -15.66 2.74
CA LEU B 52 -13.28 -14.77 1.73
C LEU B 52 -13.80 -15.51 0.50
N THR B 53 -14.88 -14.99 -0.08
CA THR B 53 -15.46 -15.57 -1.27
C THR B 53 -14.45 -15.16 -2.31
N VAL B 54 -14.57 -15.65 -3.54
CA VAL B 54 -13.62 -15.25 -4.56
C VAL B 54 -14.12 -13.92 -5.12
N GLY B 55 -15.42 -13.68 -4.94
CA GLY B 55 -16.03 -12.44 -5.41
C GLY B 55 -15.74 -11.33 -4.44
N GLN B 56 -15.65 -11.68 -3.16
CA GLN B 56 -15.37 -10.72 -2.11
C GLN B 56 -13.94 -10.17 -2.18
N ILE B 57 -12.98 -11.03 -2.48
CA ILE B 57 -11.58 -10.62 -2.57
C ILE B 57 -11.40 -9.59 -3.69
N THR B 58 -12.21 -9.75 -4.73
CA THR B 58 -12.19 -8.85 -5.88
C THR B 58 -12.55 -7.43 -5.46
N GLU B 59 -13.43 -7.33 -4.46
CA GLU B 59 -13.91 -6.06 -3.94
C GLU B 59 -12.95 -5.44 -2.92
N LYS B 60 -12.22 -6.29 -2.20
CA LYS B 60 -11.27 -5.79 -1.20
C LYS B 60 -9.85 -5.77 -1.75
N GLN B 61 -9.71 -5.77 -3.08
CA GLN B 61 -8.40 -5.70 -3.71
C GLN B 61 -8.49 -4.60 -4.79
N GLY B 62 -9.71 -4.24 -5.16
CA GLY B 62 -9.95 -3.18 -6.12
C GLY B 62 -9.55 -3.25 -7.59
N VAL B 63 -8.28 -3.53 -7.90
CA VAL B 63 -7.86 -3.59 -9.28
C VAL B 63 -8.69 -4.61 -10.05
N ASN B 64 -8.41 -4.76 -11.33
CA ASN B 64 -9.16 -5.69 -12.15
C ASN B 64 -9.48 -7.00 -11.44
N LYS B 65 -10.75 -7.39 -11.53
CA LYS B 65 -11.27 -8.61 -10.94
C LYS B 65 -10.43 -9.75 -11.53
N ALA B 66 -10.19 -9.66 -12.83
CA ALA B 66 -9.42 -10.64 -13.59
C ALA B 66 -8.01 -10.80 -13.06
N ALA B 67 -7.37 -9.69 -12.69
CA ALA B 67 -6.00 -9.71 -12.15
C ALA B 67 -6.00 -10.44 -10.83
N VAL B 68 -6.96 -10.13 -9.97
CA VAL B 68 -7.03 -10.77 -8.68
C VAL B 68 -7.40 -12.27 -8.74
N SER B 69 -8.27 -12.65 -9.65
CA SER B 69 -8.64 -14.07 -9.75
C SER B 69 -7.46 -14.91 -10.20
N ARG B 70 -6.65 -14.35 -11.11
CA ARG B 70 -5.49 -15.07 -11.63
C ARG B 70 -4.51 -15.31 -10.50
N ARG B 71 -4.29 -14.28 -9.68
CA ARG B 71 -3.40 -14.36 -8.52
C ARG B 71 -3.92 -15.38 -7.51
N VAL B 72 -5.22 -15.45 -7.32
CA VAL B 72 -5.76 -16.43 -6.41
C VAL B 72 -5.52 -17.82 -7.03
N LYS B 73 -5.84 -17.96 -8.31
CA LYS B 73 -5.65 -19.22 -9.04
C LYS B 73 -4.17 -19.63 -9.00
N LYS B 74 -3.29 -18.64 -9.03
CA LYS B 74 -1.86 -18.87 -8.96
C LYS B 74 -1.44 -19.39 -7.58
N LEU B 75 -2.11 -18.92 -6.53
CA LEU B 75 -1.79 -19.35 -5.18
C LEU B 75 -2.38 -20.75 -4.89
N LEU B 76 -3.31 -21.16 -5.75
CA LEU B 76 -3.93 -22.48 -5.63
C LEU B 76 -2.99 -23.50 -6.29
N ASN B 77 -2.38 -23.08 -7.41
CA ASN B 77 -1.48 -23.91 -8.16
C ASN B 77 -0.19 -24.14 -7.36
N ALA B 78 0.04 -23.25 -6.41
CA ALA B 78 1.22 -23.34 -5.57
C ALA B 78 0.85 -24.02 -4.27
N GLU B 79 -0.45 -24.30 -4.13
CA GLU B 79 -1.02 -24.94 -2.94
C GLU B 79 -0.83 -24.11 -1.66
N LEU B 80 -0.81 -22.79 -1.78
CA LEU B 80 -0.62 -21.89 -0.65
C LEU B 80 -1.95 -21.43 -0.10
N VAL B 81 -2.98 -21.75 -0.87
CA VAL B 81 -4.35 -21.38 -0.57
C VAL B 81 -5.23 -22.59 -0.95
N LYS B 82 -6.40 -22.75 -0.29
CA LYS B 82 -7.31 -23.86 -0.61
C LYS B 82 -8.77 -23.44 -0.61
N LEU B 83 -9.66 -24.36 -0.98
CA LEU B 83 -11.10 -24.08 -1.08
C LEU B 83 -12.02 -24.51 0.06
N GLU B 84 -13.05 -23.69 0.29
CA GLU B 84 -14.10 -23.87 1.31
C GLU B 84 -13.73 -24.81 2.46
N LYS B 95 -18.21 -22.14 -2.12
CA LYS B 95 -16.72 -22.24 -2.01
C LYS B 95 -16.02 -20.97 -1.52
N ILE B 96 -15.29 -21.12 -0.43
CA ILE B 96 -14.54 -20.03 0.20
C ILE B 96 -13.05 -20.21 -0.09
N ILE B 97 -12.27 -19.16 0.11
CA ILE B 97 -10.82 -19.24 -0.11
C ILE B 97 -10.10 -19.05 1.20
N LYS B 98 -9.37 -20.07 1.64
CA LYS B 98 -8.62 -19.95 2.87
C LYS B 98 -7.16 -20.39 2.67
N LEU B 99 -6.29 -19.96 3.58
CA LEU B 99 -4.87 -20.30 3.51
C LEU B 99 -4.71 -21.80 3.72
N SER B 100 -3.75 -22.39 3.02
CA SER B 100 -3.48 -23.79 3.17
C SER B 100 -2.52 -23.86 4.36
N ASN B 101 -2.19 -25.06 4.83
CA ASN B 101 -1.29 -25.13 5.97
C ASN B 101 0.07 -24.53 5.61
N LYS B 102 0.37 -24.52 4.31
CA LYS B 102 1.63 -23.99 3.79
C LYS B 102 1.59 -22.46 3.68
N GLY B 103 0.41 -21.95 3.37
CA GLY B 103 0.24 -20.52 3.27
C GLY B 103 0.31 -19.97 4.68
N LYS B 104 -0.17 -20.77 5.63
CA LYS B 104 -0.17 -20.40 7.04
C LYS B 104 1.24 -20.29 7.62
N LYS B 105 2.11 -21.20 7.23
CA LYS B 105 3.48 -21.18 7.74
C LYS B 105 4.19 -19.94 7.21
N TYR B 106 3.90 -19.59 5.96
CA TYR B 106 4.49 -18.42 5.36
C TYR B 106 4.11 -17.16 6.15
N ILE B 107 2.82 -17.03 6.47
CA ILE B 107 2.30 -15.88 7.21
C ILE B 107 2.83 -15.78 8.64
N LYS B 108 3.20 -16.91 9.24
CA LYS B 108 3.73 -16.91 10.59
C LYS B 108 5.13 -16.30 10.52
N GLU B 109 5.89 -16.73 9.53
CA GLU B 109 7.24 -16.23 9.34
C GLU B 109 7.17 -14.73 9.01
N ARG B 110 6.14 -14.33 8.25
CA ARG B 110 5.98 -12.93 7.89
C ARG B 110 5.65 -12.12 9.13
N LYS B 111 4.71 -12.62 9.94
CA LYS B 111 4.30 -11.93 11.16
C LYS B 111 5.47 -11.88 12.13
N ALA B 112 6.24 -12.95 12.19
CA ALA B 112 7.41 -13.03 13.06
C ALA B 112 8.32 -11.83 12.84
N ILE B 113 8.72 -11.63 11.59
CA ILE B 113 9.59 -10.53 11.20
C ILE B 113 8.98 -9.15 11.47
N MET B 114 7.81 -8.88 10.90
CA MET B 114 7.10 -7.61 11.04
C MET B 114 6.82 -7.20 12.48
N SER B 115 6.43 -8.16 13.30
CA SER B 115 6.14 -7.87 14.69
C SER B 115 7.40 -7.56 15.45
N HIS B 116 8.50 -8.21 15.05
CA HIS B 116 9.77 -8.00 15.68
C HIS B 116 10.19 -6.54 15.57
N ILE B 117 10.28 -6.05 14.35
CA ILE B 117 10.70 -4.66 14.16
C ILE B 117 9.67 -3.66 14.59
N ALA B 118 8.39 -3.98 14.39
CA ALA B 118 7.31 -3.08 14.77
C ALA B 118 7.33 -2.74 16.28
N SER B 119 7.51 -3.74 17.12
CA SER B 119 7.54 -3.52 18.55
C SER B 119 8.84 -2.86 18.99
N ASP B 120 9.86 -2.94 18.13
CA ASP B 120 11.16 -2.30 18.42
C ASP B 120 10.87 -0.79 18.30
N MET B 121 10.30 -0.42 17.16
CA MET B 121 9.94 0.96 16.83
C MET B 121 8.87 1.65 17.68
N THR B 122 8.13 0.94 18.51
CA THR B 122 7.11 1.61 19.31
C THR B 122 7.29 1.34 20.81
N SER B 123 8.42 0.75 21.17
CA SER B 123 8.71 0.39 22.54
C SER B 123 8.64 1.52 23.57
N ASP B 124 8.85 2.75 23.14
CA ASP B 124 8.82 3.89 24.05
C ASP B 124 7.45 4.53 23.99
N PHE B 125 6.50 3.87 23.34
CA PHE B 125 5.16 4.41 23.23
C PHE B 125 4.24 3.82 24.27
N ASP B 126 3.45 4.67 24.92
CA ASP B 126 2.53 4.15 25.92
C ASP B 126 1.29 3.69 25.18
N SER B 127 0.89 2.47 25.51
CA SER B 127 -0.27 1.81 24.94
C SER B 127 -1.43 2.75 24.64
N LYS B 128 -1.77 3.63 25.58
CA LYS B 128 -2.87 4.56 25.39
C LYS B 128 -2.68 5.61 24.32
N GLU B 129 -1.44 5.80 23.86
CA GLU B 129 -1.17 6.77 22.80
C GLU B 129 -1.51 6.08 21.49
N ILE B 130 -1.08 4.82 21.40
CA ILE B 130 -1.31 4.00 20.23
C ILE B 130 -2.80 3.70 20.06
N GLU B 131 -3.49 3.47 21.18
CA GLU B 131 -4.92 3.18 21.17
C GLU B 131 -5.72 4.32 20.56
N LYS B 132 -5.46 5.54 21.01
CA LYS B 132 -6.20 6.69 20.52
C LYS B 132 -5.91 6.99 19.05
N VAL B 133 -4.68 6.71 18.62
CA VAL B 133 -4.28 6.91 17.24
C VAL B 133 -4.98 5.82 16.45
N ARG B 134 -5.03 4.61 16.98
CA ARG B 134 -5.70 3.52 16.27
C ARG B 134 -7.21 3.71 16.11
N GLN B 135 -7.82 4.38 17.08
CA GLN B 135 -9.25 4.62 17.01
C GLN B 135 -9.57 5.52 15.83
N VAL B 136 -8.84 6.62 15.71
CA VAL B 136 -9.05 7.54 14.60
C VAL B 136 -8.80 6.87 13.26
N LEU B 137 -7.80 6.00 13.17
CA LEU B 137 -7.57 5.34 11.89
C LEU B 137 -8.65 4.32 11.59
N GLU B 138 -9.18 3.65 12.61
CA GLU B 138 -10.26 2.70 12.41
C GLU B 138 -11.49 3.42 11.81
N ILE B 139 -11.79 4.62 12.31
CA ILE B 139 -12.94 5.35 11.81
C ILE B 139 -12.68 5.60 10.34
N ILE B 140 -11.47 6.04 10.03
CA ILE B 140 -11.12 6.31 8.63
C ILE B 140 -11.10 5.04 7.79
N ASP B 141 -10.64 3.92 8.35
CA ASP B 141 -10.65 2.69 7.59
C ASP B 141 -12.11 2.31 7.30
N TYR B 142 -12.96 2.56 8.28
CA TYR B 142 -14.38 2.27 8.17
C TYR B 142 -15.02 3.02 7.03
N ARG B 143 -14.83 4.33 6.99
CA ARG B 143 -15.41 5.16 5.94
C ARG B 143 -14.81 4.78 4.59
N ILE B 144 -13.49 4.58 4.55
CA ILE B 144 -12.82 4.19 3.31
C ILE B 144 -13.56 3.00 2.71
N GLN B 145 -13.83 2.00 3.56
CA GLN B 145 -14.55 0.81 3.15
C GLN B 145 -15.98 1.14 2.70
N SER B 146 -16.67 2.02 3.40
CA SER B 146 -18.04 2.37 3.00
C SER B 146 -18.03 3.08 1.66
N TYR B 147 -17.10 4.01 1.46
CA TYR B 147 -16.97 4.72 0.18
C TYR B 147 -16.75 3.65 -0.88
N THR B 148 -15.71 2.83 -0.67
CA THR B 148 -15.34 1.74 -1.57
C THR B 148 -16.53 0.85 -1.93
N SER B 149 -17.39 0.65 -0.93
CA SER B 149 -18.60 -0.17 -1.08
C SER B 149 -19.57 0.45 -2.11
N LYS B 150 -19.74 1.78 -2.03
CA LYS B 150 -20.61 2.49 -2.95
C LYS B 150 -19.99 2.50 -4.34
N LEU B 151 -20.41 3.42 -5.19
CA LEU B 151 -19.88 3.48 -6.55
C LEU B 151 -18.36 3.40 -6.51
#